data_4ZQK
#
_entry.id   4ZQK
#
_cell.length_a   70.862
_cell.length_b   70.862
_cell.length_c   114.367
_cell.angle_alpha   90.000
_cell.angle_beta   90.000
_cell.angle_gamma   120.000
#
_symmetry.space_group_name_H-M   'P 31 2 1'
#
loop_
_entity.id
_entity.type
_entity.pdbx_description
1 polymer 'Programmed cell death 1 ligand 1'
2 polymer 'Programmed cell death protein 1'
3 non-polymer 'SODIUM ION'
4 water water
#
loop_
_entity_poly.entity_id
_entity_poly.type
_entity_poly.pdbx_seq_one_letter_code
_entity_poly.pdbx_strand_id
1 'polypeptide(L)'
;AFTVTVPKDLYVVEYGSNMTIECKFPVEKQLDLAALIVYWEMEDKNIIQFVHGEEDLKVQHSSYRQRARLLKDQLSLGNA
ALQITDVKLQDAGVYRCMISYGGADYKRITVKVNA
;
A
2 'polypeptide(L)'
;NPPTFSPALLVVTEGDNATFTCSFSNTSESFVLNWYRMSPSNQTDKLAAFPEDRSQPGQDSRFRVTQLPNGRDFHMSVVR
ARRNDSGTYLCGAISLAPKAQIKESLRAELRVTERRAE
;
B
#
# COMPACT_ATOMS: atom_id res chain seq x y z
N ALA A 1 7.95 2.32 -12.82
CA ALA A 1 7.47 2.02 -11.45
C ALA A 1 6.40 3.05 -11.10
N PHE A 2 5.21 2.53 -10.88
CA PHE A 2 4.22 3.32 -10.24
C PHE A 2 4.47 3.17 -8.72
N THR A 3 4.62 4.31 -8.06
CA THR A 3 4.80 4.41 -6.64
C THR A 3 3.89 5.53 -6.14
N VAL A 4 3.39 5.37 -4.92
CA VAL A 4 2.62 6.37 -4.24
C VAL A 4 3.58 6.98 -3.23
N THR A 5 3.36 8.24 -2.89
CA THR A 5 4.21 8.93 -1.91
C THR A 5 3.34 9.79 -1.03
N VAL A 6 3.88 10.12 0.13
CA VAL A 6 3.16 11.00 1.03
C VAL A 6 4.00 12.25 1.27
N PRO A 7 3.33 13.41 1.50
CA PRO A 7 4.10 14.63 1.82
C PRO A 7 4.78 14.45 3.19
N LYS A 8 4.01 13.98 4.16
CA LYS A 8 4.53 13.64 5.46
C LYS A 8 3.82 12.42 5.96
N ASP A 9 4.49 11.68 6.82
CA ASP A 9 3.98 10.47 7.44
C ASP A 9 3.10 10.68 8.62
N LEU A 10 3.18 11.87 9.21
CA LEU A 10 2.52 12.12 10.47
C LEU A 10 1.84 13.47 10.40
N TYR A 11 0.57 13.53 10.78
CA TYR A 11 -0.15 14.77 10.73
C TYR A 11 -0.69 15.02 12.14
N VAL A 12 -0.51 16.26 12.59
CA VAL A 12 -1.10 16.76 13.81
C VAL A 12 -2.29 17.62 13.41
N VAL A 13 -3.42 17.30 13.99
CA VAL A 13 -4.71 17.80 13.61
C VAL A 13 -5.45 18.17 14.90
N GLU A 14 -6.16 19.29 14.88
CA GLU A 14 -6.80 19.76 16.08
C GLU A 14 -8.13 19.10 16.21
N TYR A 15 -8.37 18.66 17.43
CA TYR A 15 -9.64 18.10 17.81
C TYR A 15 -10.74 19.06 17.37
N GLY A 16 -11.77 18.56 16.77
CA GLY A 16 -12.91 19.42 16.45
C GLY A 16 -12.72 20.19 15.16
N SER A 17 -11.63 19.94 14.43
CA SER A 17 -11.44 20.61 13.17
C SER A 17 -11.72 19.64 11.96
N ASN A 18 -11.61 20.15 10.74
CA ASN A 18 -11.68 19.34 9.53
C ASN A 18 -10.29 19.07 9.14
N MET A 19 -9.98 17.84 8.71
CA MET A 19 -8.62 17.52 8.28
C MET A 19 -8.54 17.08 6.85
N THR A 20 -7.37 17.24 6.26
CA THR A 20 -7.08 16.67 4.95
C THR A 20 -5.71 16.03 4.98
N ILE A 21 -5.64 14.80 4.51
CA ILE A 21 -4.37 14.10 4.41
C ILE A 21 -4.27 13.52 3.01
N GLU A 22 -3.07 13.36 2.49
CA GLU A 22 -2.83 13.20 1.05
C GLU A 22 -1.88 12.10 0.68
N CYS A 23 -2.11 11.45 -0.44
CA CYS A 23 -1.12 10.59 -1.07
C CYS A 23 -0.99 11.04 -2.51
N LYS A 24 0.23 11.04 -3.02
CA LYS A 24 0.54 11.55 -4.34
C LYS A 24 0.88 10.41 -5.25
N PHE A 25 0.55 10.56 -6.53
CA PHE A 25 0.81 9.54 -7.49
C PHE A 25 1.11 10.21 -8.81
N PRO A 26 2.05 9.66 -9.57
CA PRO A 26 2.42 10.28 -10.86
C PRO A 26 1.23 10.27 -11.82
N VAL A 27 1.00 11.41 -12.46
CA VAL A 27 0.03 11.49 -13.55
C VAL A 27 0.68 12.07 -14.83
N GLU A 28 0.49 11.38 -15.96
CA GLU A 28 1.04 11.82 -17.24
C GLU A 28 0.39 13.13 -17.69
N LYS A 29 -0.25 13.11 -18.85
CA LYS A 29 -0.65 14.39 -19.47
C LYS A 29 -1.99 14.82 -18.87
N GLN A 30 -2.95 13.90 -18.92
CA GLN A 30 -4.30 14.11 -18.45
C GLN A 30 -4.66 12.90 -17.58
N LEU A 31 -5.68 13.04 -16.74
CA LEU A 31 -6.17 11.95 -15.94
C LEU A 31 -7.11 11.03 -16.70
N ASP A 32 -6.71 9.76 -16.87
CA ASP A 32 -7.66 8.71 -17.25
C ASP A 32 -8.42 8.11 -16.04
N LEU A 33 -9.66 8.55 -15.84
CA LEU A 33 -10.50 8.17 -14.72
C LEU A 33 -10.77 6.70 -14.66
N ALA A 34 -11.20 6.19 -15.79
CA ALA A 34 -11.51 4.77 -15.99
C ALA A 34 -10.33 3.86 -15.65
N ALA A 35 -9.17 4.42 -15.42
CA ALA A 35 -8.03 3.54 -15.16
C ALA A 35 -7.61 3.71 -13.75
N LEU A 36 -8.44 4.37 -12.96
CA LEU A 36 -8.00 4.88 -11.63
C LEU A 36 -8.82 4.33 -10.50
N ILE A 37 -8.13 3.86 -9.49
CA ILE A 37 -8.87 3.38 -8.31
C ILE A 37 -8.20 4.02 -7.10
N VAL A 38 -9.01 4.48 -6.17
CA VAL A 38 -8.45 5.08 -4.96
C VAL A 38 -9.18 4.51 -3.76
N TYR A 39 -8.39 4.06 -2.79
CA TYR A 39 -8.90 3.45 -1.58
C TYR A 39 -8.19 4.04 -0.34
N TRP A 40 -9.00 4.42 0.64
CA TRP A 40 -8.54 4.76 1.96
C TRP A 40 -9.20 3.86 3.00
N GLU A 41 -8.42 3.47 3.97
CA GLU A 41 -8.95 2.74 5.11
C GLU A 41 -8.27 3.19 6.38
N MET A 42 -8.89 2.90 7.50
CA MET A 42 -8.19 3.09 8.78
C MET A 42 -8.61 1.98 9.72
N GLU A 43 -7.65 1.31 10.34
CA GLU A 43 -7.98 0.22 11.29
C GLU A 43 -9.04 -0.72 10.73
N ASP A 44 -8.79 -1.12 9.49
CA ASP A 44 -9.59 -2.07 8.74
C ASP A 44 -11.00 -1.58 8.46
N LYS A 45 -11.31 -0.35 8.80
CA LYS A 45 -12.58 0.19 8.32
C LYS A 45 -12.32 0.85 6.98
N ASN A 46 -13.26 0.63 6.08
CA ASN A 46 -13.18 1.17 4.77
C ASN A 46 -13.74 2.59 4.69
N ILE A 47 -12.91 3.54 4.28
CA ILE A 47 -13.37 4.92 4.25
C ILE A 47 -13.85 5.33 2.87
N ILE A 48 -13.00 5.11 1.88
CA ILE A 48 -13.27 5.61 0.55
C ILE A 48 -13.01 4.48 -0.39
N GLN A 49 -13.95 4.18 -1.25
CA GLN A 49 -13.67 3.28 -2.35
C GLN A 49 -14.12 3.84 -3.66
N PHE A 50 -13.16 4.42 -4.35
CA PHE A 50 -13.42 5.15 -5.55
C PHE A 50 -12.88 4.43 -6.74
N VAL A 51 -13.78 3.96 -7.57
CA VAL A 51 -13.46 2.99 -8.60
C VAL A 51 -13.93 3.63 -9.87
N HIS A 52 -12.97 4.10 -10.67
CA HIS A 52 -13.27 4.66 -11.98
C HIS A 52 -14.28 5.80 -11.95
N GLY A 53 -14.25 6.60 -10.89
CA GLY A 53 -15.07 7.80 -10.82
C GLY A 53 -16.40 7.63 -10.15
N GLU A 54 -16.55 6.53 -9.41
CA GLU A 54 -17.78 6.21 -8.71
C GLU A 54 -17.45 5.71 -7.30
N GLU A 55 -17.93 6.40 -6.25
CA GLU A 55 -17.90 5.86 -4.91
C GLU A 55 -18.89 4.69 -4.89
N ASP A 56 -18.42 3.50 -4.42
CA ASP A 56 -19.29 2.35 -4.15
C ASP A 56 -19.71 2.42 -2.68
N LEU A 57 -20.89 3.00 -2.41
CA LEU A 57 -21.34 3.30 -1.02
C LEU A 57 -21.68 2.03 -0.24
N LYS A 58 -22.14 1.01 -0.98
CA LYS A 58 -22.29 -0.37 -0.46
C LYS A 58 -21.12 -0.80 0.45
N VAL A 59 -19.89 -0.66 -0.02
CA VAL A 59 -18.71 -1.19 0.71
C VAL A 59 -18.06 -0.22 1.69
N GLN A 60 -18.51 1.03 1.70
CA GLN A 60 -18.08 2.03 2.68
C GLN A 60 -18.66 1.75 4.08
N HIS A 61 -17.78 1.66 5.08
CA HIS A 61 -18.18 1.66 6.50
C HIS A 61 -19.11 2.85 6.82
N SER A 62 -20.38 2.57 7.13
CA SER A 62 -21.46 3.59 7.06
C SER A 62 -21.31 4.81 7.97
N SER A 63 -20.50 4.70 9.03
CA SER A 63 -20.14 5.88 9.89
C SER A 63 -19.31 7.01 9.21
N TYR A 64 -18.74 6.72 8.05
CA TYR A 64 -18.05 7.71 7.28
C TYR A 64 -18.88 8.28 6.14
N ARG A 65 -20.10 7.77 5.93
CA ARG A 65 -20.84 8.10 4.71
C ARG A 65 -20.89 9.60 4.54
N GLN A 66 -21.08 10.30 5.64
CA GLN A 66 -21.31 11.72 5.57
C GLN A 66 -20.06 12.57 5.89
N ARG A 67 -19.09 12.02 6.60
CA ARG A 67 -18.06 12.89 7.16
C ARG A 67 -16.73 12.79 6.36
N ALA A 68 -16.69 11.93 5.36
CA ALA A 68 -15.47 11.64 4.62
C ALA A 68 -15.68 11.81 3.11
N ARG A 69 -14.69 12.36 2.43
CA ARG A 69 -14.74 12.51 0.98
C ARG A 69 -13.37 12.70 0.39
N LEU A 70 -13.27 12.30 -0.85
CA LEU A 70 -12.05 12.44 -1.63
C LEU A 70 -12.23 13.73 -2.38
N LEU A 71 -11.26 14.64 -2.28
CA LEU A 71 -11.30 15.92 -3.09
C LEU A 71 -11.13 15.63 -4.55
N LYS A 72 -12.23 15.69 -5.27
CA LYS A 72 -12.27 15.28 -6.66
C LYS A 72 -11.36 16.10 -7.56
N ASP A 73 -11.31 17.42 -7.39
CA ASP A 73 -10.47 18.32 -8.24
C ASP A 73 -8.95 18.22 -8.00
N GLN A 74 -8.52 17.51 -6.98
CA GLN A 74 -7.08 17.22 -6.79
C GLN A 74 -6.57 16.01 -7.54
N LEU A 75 -7.46 15.12 -7.96
CA LEU A 75 -6.99 13.89 -8.65
C LEU A 75 -6.19 14.17 -9.95
N SER A 76 -6.60 15.16 -10.76
CA SER A 76 -5.90 15.46 -12.05
C SER A 76 -4.48 15.94 -11.75
N LEU A 77 -4.27 16.47 -10.57
CA LEU A 77 -2.95 16.92 -10.10
C LEU A 77 -2.08 15.81 -9.49
N GLY A 78 -2.56 14.57 -9.49
CA GLY A 78 -1.82 13.47 -8.89
C GLY A 78 -1.85 13.48 -7.37
N ASN A 79 -2.96 13.93 -6.82
CA ASN A 79 -3.13 14.04 -5.40
C ASN A 79 -4.42 13.38 -4.94
N ALA A 80 -4.29 12.33 -4.12
CA ALA A 80 -5.43 11.74 -3.46
C ALA A 80 -5.57 12.27 -2.05
N ALA A 81 -6.61 13.06 -1.90
CA ALA A 81 -6.73 13.88 -0.74
C ALA A 81 -7.99 13.48 -0.08
N LEU A 82 -7.86 12.85 1.08
CA LEU A 82 -8.98 12.47 1.92
C LEU A 82 -9.23 13.54 2.97
N GLN A 83 -10.49 13.92 3.11
CA GLN A 83 -10.91 14.94 4.01
C GLN A 83 -11.99 14.41 4.91
N ILE A 84 -11.78 14.56 6.21
CA ILE A 84 -12.76 14.10 7.20
C ILE A 84 -13.11 15.28 8.02
N THR A 85 -14.41 15.50 8.21
CA THR A 85 -14.93 16.61 9.03
C THR A 85 -15.17 16.18 10.50
N ASP A 86 -15.02 17.15 11.39
CA ASP A 86 -15.28 17.00 12.79
C ASP A 86 -14.44 15.96 13.45
N VAL A 87 -13.14 16.12 13.31
CA VAL A 87 -12.22 15.16 13.83
C VAL A 87 -12.32 14.92 15.35
N LYS A 88 -12.39 13.65 15.77
CA LYS A 88 -12.49 13.31 17.19
C LYS A 88 -11.32 12.48 17.58
N LEU A 89 -11.29 12.06 18.84
CA LEU A 89 -10.23 11.20 19.35
C LEU A 89 -10.10 9.89 18.65
N GLN A 90 -11.24 9.32 18.34
CA GLN A 90 -11.27 8.05 17.57
C GLN A 90 -10.65 8.17 16.17
N ASP A 91 -10.64 9.34 15.54
CA ASP A 91 -10.02 9.47 14.20
C ASP A 91 -8.50 9.43 14.22
N ALA A 92 -7.90 9.50 15.40
CA ALA A 92 -6.45 9.29 15.51
C ALA A 92 -6.10 7.83 15.24
N GLY A 93 -4.89 7.61 14.75
CA GLY A 93 -4.43 6.34 14.31
C GLY A 93 -3.73 6.42 12.95
N VAL A 94 -3.56 5.22 12.36
CA VAL A 94 -2.86 4.95 11.12
C VAL A 94 -3.89 4.73 10.04
N TYR A 95 -3.72 5.47 8.94
CA TYR A 95 -4.55 5.45 7.76
C TYR A 95 -3.73 4.83 6.66
N ARG A 96 -4.40 4.14 5.75
CA ARG A 96 -3.73 3.60 4.57
C ARG A 96 -4.42 4.09 3.32
N CYS A 97 -3.62 4.51 2.36
CA CYS A 97 -4.13 4.88 1.05
C CYS A 97 -3.52 3.92 0.06
N MET A 98 -4.31 3.51 -0.91
CA MET A 98 -3.83 2.71 -2.05
C MET A 98 -4.35 3.38 -3.28
N ILE A 99 -3.47 3.52 -4.27
CA ILE A 99 -3.88 4.03 -5.57
C ILE A 99 -3.40 3.06 -6.66
N SER A 100 -4.30 2.83 -7.58
CA SER A 100 -4.04 1.96 -8.70
C SER A 100 -4.31 2.74 -10.01
N TYR A 101 -3.30 2.79 -10.84
CA TYR A 101 -3.29 3.63 -11.99
C TYR A 101 -2.03 3.33 -12.75
N GLY A 102 -2.04 2.19 -13.44
CA GLY A 102 -0.92 1.70 -14.21
C GLY A 102 0.43 1.32 -13.56
N GLY A 103 0.57 0.50 -12.51
CA GLY A 103 -0.45 -0.24 -11.73
C GLY A 103 -0.59 0.24 -10.26
N ALA A 104 -0.12 -0.46 -9.23
CA ALA A 104 -0.52 -0.09 -7.82
C ALA A 104 0.52 0.03 -6.72
N ASP A 105 0.20 0.84 -5.71
CA ASP A 105 1.03 1.01 -4.52
C ASP A 105 0.21 1.58 -3.38
N TYR A 106 0.78 1.50 -2.17
CA TYR A 106 0.16 2.10 -0.97
C TYR A 106 1.15 2.59 0.06
N LYS A 107 0.66 3.39 0.99
CA LYS A 107 1.45 3.99 2.07
C LYS A 107 0.58 4.13 3.31
N ARG A 108 1.24 4.38 4.45
CA ARG A 108 0.59 4.59 5.75
C ARG A 108 0.83 6.01 6.24
N ILE A 109 -0.16 6.56 6.94
CA ILE A 109 -0.07 7.90 7.50
C ILE A 109 -0.60 7.90 8.91
N THR A 110 0.18 8.46 9.81
CA THR A 110 -0.23 8.56 11.18
C THR A 110 -0.88 9.92 11.36
N VAL A 111 -2.06 9.87 11.95
CA VAL A 111 -2.76 11.01 12.44
C VAL A 111 -2.76 11.04 13.98
N LYS A 112 -2.35 12.18 14.51
CA LYS A 112 -2.32 12.48 15.91
C LYS A 112 -3.29 13.65 16.11
N VAL A 113 -4.28 13.43 16.96
CA VAL A 113 -5.32 14.39 17.23
C VAL A 113 -4.96 15.06 18.54
N ASN A 114 -4.61 16.35 18.44
CA ASN A 114 -4.27 17.20 19.61
C ASN A 114 -5.55 17.82 20.15
N ALA A 115 -5.81 17.62 21.45
CA ALA A 115 -7.09 18.05 22.04
C ALA A 115 -6.94 18.89 23.32
N ASN B 1 -7.42 -13.81 4.18
CA ASN B 1 -6.57 -14.94 3.73
C ASN B 1 -5.17 -14.46 3.33
N PRO B 2 -4.42 -13.87 4.30
CA PRO B 2 -3.13 -13.18 4.02
C PRO B 2 -2.09 -14.05 3.30
N PRO B 3 -1.27 -13.44 2.46
CA PRO B 3 -0.15 -14.20 1.93
C PRO B 3 0.89 -14.60 3.00
N THR B 4 1.72 -15.58 2.68
CA THR B 4 2.80 -15.95 3.57
C THR B 4 4.06 -15.62 2.83
N PHE B 5 5.07 -15.34 3.62
CA PHE B 5 6.32 -14.88 3.14
C PHE B 5 7.35 -15.63 3.97
N SER B 6 8.15 -16.48 3.35
CA SER B 6 9.11 -17.29 4.09
C SER B 6 10.39 -17.37 3.33
N PRO B 7 11.49 -17.77 4.01
CA PRO B 7 11.54 -17.97 5.47
C PRO B 7 11.41 -16.63 6.17
N ALA B 8 10.83 -16.66 7.36
CA ALA B 8 10.61 -15.46 8.13
C ALA B 8 11.91 -14.77 8.63
N LEU B 9 13.04 -15.46 8.58
CA LEU B 9 14.32 -14.86 8.98
C LEU B 9 15.28 -15.49 8.04
N LEU B 10 16.25 -14.73 7.55
CA LEU B 10 17.13 -15.27 6.53
C LEU B 10 18.45 -14.56 6.66
N VAL B 11 19.51 -15.34 6.89
CA VAL B 11 20.88 -14.79 6.96
C VAL B 11 21.64 -15.22 5.73
N VAL B 12 22.28 -14.27 5.05
CA VAL B 12 23.20 -14.59 3.93
C VAL B 12 24.45 -13.70 3.91
N THR B 13 25.54 -14.23 3.32
CA THR B 13 26.77 -13.46 3.13
C THR B 13 26.62 -12.55 1.87
N GLU B 14 26.95 -11.26 2.04
CA GLU B 14 26.96 -10.29 0.93
C GLU B 14 27.55 -10.85 -0.38
N GLY B 15 26.90 -10.52 -1.49
CA GLY B 15 27.25 -11.09 -2.79
C GLY B 15 26.38 -12.29 -3.14
N ASP B 16 25.94 -13.04 -2.14
CA ASP B 16 25.03 -14.14 -2.40
C ASP B 16 23.63 -13.67 -2.76
N ASN B 17 22.83 -14.63 -3.22
CA ASN B 17 21.44 -14.43 -3.48
C ASN B 17 20.57 -14.76 -2.29
N ALA B 18 19.44 -14.07 -2.21
CA ALA B 18 18.54 -14.12 -1.08
C ALA B 18 17.14 -14.26 -1.66
N THR B 19 16.46 -15.34 -1.28
CA THR B 19 15.21 -15.71 -1.92
C THR B 19 14.15 -15.99 -0.89
N PHE B 20 13.15 -15.11 -0.86
CA PHE B 20 11.98 -15.41 -0.06
C PHE B 20 10.98 -16.02 -0.96
N THR B 21 10.02 -16.69 -0.36
CA THR B 21 8.88 -17.17 -1.10
C THR B 21 7.63 -16.50 -0.52
N CYS B 22 6.84 -15.96 -1.42
CA CYS B 22 5.57 -15.38 -1.06
C CYS B 22 4.58 -16.32 -1.67
N SER B 23 3.68 -16.86 -0.86
CA SER B 23 2.63 -17.76 -1.33
C SER B 23 1.30 -17.10 -1.07
N PHE B 24 0.45 -17.10 -2.11
CA PHE B 24 -0.84 -16.42 -2.06
C PHE B 24 -1.80 -17.07 -3.06
N SER B 25 -2.81 -17.80 -2.59
CA SER B 25 -3.85 -18.29 -3.52
C SER B 25 -5.10 -17.47 -3.23
N ASN B 26 -5.60 -16.78 -4.26
CA ASN B 26 -6.69 -15.84 -4.13
C ASN B 26 -7.58 -15.81 -5.36
N THR B 27 -8.84 -15.63 -5.08
CA THR B 27 -9.86 -15.76 -6.06
C THR B 27 -10.29 -14.38 -6.57
N SER B 28 -9.45 -13.39 -6.36
CA SER B 28 -9.77 -12.03 -6.58
C SER B 28 -9.88 -11.72 -8.08
N GLU B 29 -10.88 -10.92 -8.43
CA GLU B 29 -11.20 -10.65 -9.80
C GLU B 29 -10.11 -9.87 -10.51
N SER B 30 -9.45 -8.96 -9.78
CA SER B 30 -8.35 -8.20 -10.38
C SER B 30 -7.40 -7.80 -9.29
N PHE B 31 -6.14 -8.21 -9.37
CA PHE B 31 -5.26 -7.95 -8.27
C PHE B 31 -3.84 -7.92 -8.73
N VAL B 32 -2.94 -7.43 -7.87
CA VAL B 32 -1.50 -7.39 -8.14
C VAL B 32 -0.80 -7.84 -6.89
N LEU B 33 0.44 -8.30 -7.00
CA LEU B 33 1.19 -8.69 -5.83
C LEU B 33 2.46 -7.89 -5.76
N ASN B 34 2.68 -7.22 -4.64
CA ASN B 34 3.80 -6.32 -4.50
C ASN B 34 4.83 -6.80 -3.45
N TRP B 35 6.09 -6.51 -3.70
CA TRP B 35 7.15 -6.78 -2.71
C TRP B 35 7.60 -5.45 -2.09
N TYR B 36 7.51 -5.37 -0.76
CA TYR B 36 7.84 -4.17 0.03
C TYR B 36 9.02 -4.44 0.96
N ARG B 37 9.82 -3.39 1.18
CA ARG B 37 10.82 -3.30 2.21
C ARG B 37 10.39 -2.13 3.06
N MET B 38 10.59 -2.21 4.37
CA MET B 38 10.17 -1.13 5.26
C MET B 38 11.26 -0.05 5.29
N SER B 39 10.84 1.19 5.39
CA SER B 39 11.77 2.28 5.29
C SER B 39 12.47 2.32 6.63
N PRO B 40 13.53 3.13 6.73
CA PRO B 40 14.02 3.43 8.06
C PRO B 40 12.93 3.93 9.03
N SER B 41 11.83 4.47 8.53
CA SER B 41 10.60 4.55 9.31
C SER B 41 9.77 3.32 8.95
N ASN B 42 8.60 3.19 9.54
CA ASN B 42 7.71 2.12 9.15
C ASN B 42 6.90 2.49 7.90
N GLN B 43 7.57 2.91 6.82
CA GLN B 43 6.83 3.19 5.56
C GLN B 43 7.05 2.05 4.56
N THR B 44 5.96 1.63 3.94
CA THR B 44 6.02 0.60 2.91
C THR B 44 6.51 1.13 1.59
N ASP B 45 7.77 0.82 1.25
CA ASP B 45 8.39 1.15 -0.02
C ASP B 45 8.43 0.01 -1.02
N LYS B 46 7.77 0.21 -2.16
CA LYS B 46 7.62 -0.82 -3.14
C LYS B 46 8.95 -1.09 -3.80
N LEU B 47 9.31 -2.36 -3.92
CA LEU B 47 10.52 -2.84 -4.62
C LEU B 47 10.25 -3.48 -5.99
N ALA B 48 9.09 -4.11 -6.14
CA ALA B 48 8.75 -4.86 -7.33
C ALA B 48 7.29 -5.35 -7.26
N ALA B 49 6.84 -5.92 -8.37
CA ALA B 49 5.48 -6.31 -8.51
C ALA B 49 5.38 -7.48 -9.46
N PHE B 50 4.32 -8.24 -9.27
CA PHE B 50 3.90 -9.19 -10.21
C PHE B 50 2.46 -8.87 -10.55
N PRO B 51 2.22 -8.56 -11.83
CA PRO B 51 3.28 -8.36 -12.82
C PRO B 51 3.79 -6.92 -12.77
N GLU B 52 4.75 -6.61 -13.65
CA GLU B 52 5.01 -5.20 -14.11
C GLU B 52 6.49 -5.03 -14.32
N SER B 61 16.21 -3.88 -11.95
CA SER B 61 16.79 -3.94 -10.62
C SER B 61 17.12 -5.37 -10.23
N ARG B 62 17.77 -5.49 -9.06
CA ARG B 62 18.10 -6.80 -8.51
C ARG B 62 16.98 -7.40 -7.62
N PHE B 63 15.81 -6.74 -7.60
CA PHE B 63 14.60 -7.22 -6.92
C PHE B 63 13.58 -7.83 -7.90
N ARG B 64 13.62 -9.15 -8.00
CA ARG B 64 12.93 -9.89 -9.05
C ARG B 64 11.85 -10.78 -8.46
N VAL B 65 10.61 -10.59 -8.92
CA VAL B 65 9.49 -11.44 -8.55
C VAL B 65 9.16 -12.41 -9.66
N THR B 66 9.01 -13.68 -9.32
CA THR B 66 8.89 -14.77 -10.29
C THR B 66 7.84 -15.77 -9.84
N GLN B 67 6.78 -15.91 -10.59
CA GLN B 67 5.82 -16.95 -10.29
C GLN B 67 6.41 -18.35 -10.53
N LEU B 68 6.21 -19.26 -9.57
CA LEU B 68 6.65 -20.66 -9.74
C LEU B 68 5.64 -21.58 -10.45
N PRO B 69 6.12 -22.71 -11.04
CA PRO B 69 5.24 -23.67 -11.75
C PRO B 69 3.90 -24.04 -11.05
N ASN B 70 3.89 -24.19 -9.73
CA ASN B 70 2.62 -24.50 -9.03
C ASN B 70 1.63 -23.32 -8.99
N GLY B 71 2.11 -22.10 -9.28
CA GLY B 71 1.26 -20.92 -9.47
C GLY B 71 0.96 -20.11 -8.20
N ARG B 72 0.82 -20.76 -7.05
CA ARG B 72 0.46 -20.03 -5.86
C ARG B 72 1.72 -19.46 -5.18
N ASP B 73 2.92 -19.90 -5.59
CA ASP B 73 4.16 -19.42 -4.97
C ASP B 73 5.00 -18.52 -5.91
N PHE B 74 5.68 -17.58 -5.27
CA PHE B 74 6.47 -16.61 -5.98
C PHE B 74 7.78 -16.48 -5.24
N HIS B 75 8.89 -16.43 -5.96
CA HIS B 75 10.15 -16.04 -5.36
C HIS B 75 10.30 -14.56 -5.46
N MET B 76 10.53 -13.95 -4.31
CA MET B 76 11.03 -12.61 -4.23
C MET B 76 12.53 -12.80 -4.06
N SER B 77 13.29 -12.36 -5.04
CA SER B 77 14.72 -12.65 -5.06
C SER B 77 15.52 -11.40 -5.06
N VAL B 78 16.34 -11.25 -4.03
CA VAL B 78 17.37 -10.20 -4.01
C VAL B 78 18.66 -10.80 -4.55
N VAL B 79 19.07 -10.34 -5.73
CA VAL B 79 20.28 -10.87 -6.37
C VAL B 79 21.49 -10.08 -5.88
N ARG B 80 22.58 -10.79 -5.61
CA ARG B 80 23.87 -10.14 -5.29
C ARG B 80 23.61 -9.16 -4.16
N ALA B 81 23.29 -9.74 -3.01
CA ALA B 81 22.74 -8.99 -1.91
C ALA B 81 23.79 -8.08 -1.24
N ARG B 82 23.48 -6.77 -1.16
CA ARG B 82 24.30 -5.78 -0.41
C ARG B 82 24.10 -5.92 1.12
N ARG B 83 24.94 -5.26 1.91
CA ARG B 83 24.83 -5.32 3.37
C ARG B 83 23.74 -4.37 3.88
N ASN B 84 23.61 -3.19 3.28
CA ASN B 84 22.58 -2.25 3.74
C ASN B 84 21.22 -2.48 3.02
N ASP B 85 21.09 -3.65 2.39
CA ASP B 85 19.79 -4.21 2.06
C ASP B 85 19.17 -4.85 3.30
N SER B 86 20.01 -5.22 4.26
CA SER B 86 19.56 -5.70 5.54
C SER B 86 18.34 -4.89 5.95
N GLY B 87 17.30 -5.60 6.43
CA GLY B 87 16.06 -4.93 6.89
C GLY B 87 14.82 -5.79 6.79
N THR B 88 13.68 -5.11 6.89
CA THR B 88 12.38 -5.78 6.97
C THR B 88 11.64 -5.76 5.65
N TYR B 89 11.03 -6.90 5.33
CA TYR B 89 10.40 -7.15 4.04
C TYR B 89 9.06 -7.78 4.26
N LEU B 90 8.23 -7.66 3.21
CA LEU B 90 6.89 -8.24 3.19
C LEU B 90 6.30 -8.25 1.80
N CYS B 91 5.30 -9.10 1.59
CA CYS B 91 4.55 -9.09 0.33
C CYS B 91 3.16 -8.62 0.67
N GLY B 92 2.58 -7.86 -0.24
CA GLY B 92 1.28 -7.26 -0.06
C GLY B 92 0.52 -7.58 -1.32
N ALA B 93 -0.50 -8.41 -1.17
CA ALA B 93 -1.48 -8.58 -2.23
C ALA B 93 -2.46 -7.44 -2.19
N ILE B 94 -2.71 -6.83 -3.34
CA ILE B 94 -3.65 -5.75 -3.44
C ILE B 94 -4.73 -6.15 -4.40
N SER B 95 -5.96 -6.30 -3.90
CA SER B 95 -7.08 -6.51 -4.77
C SER B 95 -7.66 -5.20 -5.22
N LEU B 96 -8.02 -5.17 -6.48
CA LEU B 96 -8.55 -3.97 -7.10
C LEU B 96 -10.03 -4.03 -7.43
N ALA B 97 -10.58 -5.23 -7.51
CA ALA B 97 -11.99 -5.41 -7.85
C ALA B 97 -12.41 -6.73 -7.32
N PRO B 98 -13.70 -6.87 -7.01
CA PRO B 98 -14.70 -5.80 -7.06
C PRO B 98 -14.50 -4.88 -5.87
N LYS B 99 -13.87 -5.43 -4.82
CA LYS B 99 -13.63 -4.76 -3.51
C LYS B 99 -12.11 -4.53 -3.37
N ALA B 100 -11.72 -3.28 -3.16
CA ALA B 100 -10.32 -2.95 -3.01
C ALA B 100 -9.87 -3.31 -1.62
N GLN B 101 -8.71 -3.95 -1.53
CA GLN B 101 -8.28 -4.59 -0.31
C GLN B 101 -6.78 -4.70 -0.31
N ILE B 102 -6.16 -4.59 0.84
CA ILE B 102 -4.75 -4.80 0.97
C ILE B 102 -4.55 -5.98 1.91
N LYS B 103 -3.82 -7.00 1.49
CA LYS B 103 -3.48 -8.16 2.36
C LYS B 103 -1.99 -8.41 2.48
N GLU B 104 -1.42 -8.29 3.68
CA GLU B 104 0.03 -8.32 3.91
C GLU B 104 0.46 -9.55 4.65
N SER B 105 1.59 -10.11 4.24
CA SER B 105 2.19 -11.17 5.02
C SER B 105 2.72 -10.58 6.28
N LEU B 106 3.03 -11.43 7.23
CA LEU B 106 3.91 -11.05 8.30
C LEU B 106 5.28 -10.61 7.73
N ARG B 107 5.98 -9.82 8.50
CA ARG B 107 7.22 -9.23 8.09
C ARG B 107 8.33 -10.23 8.28
N ALA B 108 9.22 -10.32 7.30
CA ALA B 108 10.39 -11.14 7.35
C ALA B 108 11.63 -10.24 7.49
N GLU B 109 12.71 -10.79 8.03
CA GLU B 109 13.91 -9.98 8.15
C GLU B 109 15.09 -10.63 7.44
N LEU B 110 15.81 -9.80 6.72
CA LEU B 110 16.99 -10.19 5.98
C LEU B 110 18.30 -9.61 6.56
N ARG B 111 19.20 -10.49 7.01
CA ARG B 111 20.55 -10.09 7.49
C ARG B 111 21.60 -10.46 6.47
N VAL B 112 22.28 -9.45 5.93
CA VAL B 112 23.43 -9.67 5.04
C VAL B 112 24.76 -9.30 5.71
N THR B 113 25.65 -10.29 5.82
CA THR B 113 26.94 -10.16 6.55
C THR B 113 28.15 -10.22 5.64
N GLU B 114 29.28 -9.75 6.18
CA GLU B 114 30.56 -9.59 5.43
C GLU B 114 31.24 -10.91 5.02
#